data_9IR2
#
_entry.id   9IR2
#
_cell.length_a   64.600
_cell.length_b   64.600
_cell.length_c   230.210
_cell.angle_alpha   90.000
_cell.angle_beta   90.000
_cell.angle_gamma   120.000
#
_symmetry.space_group_name_H-M   'P 61 2 2'
#
loop_
_entity.id
_entity.type
_entity.pdbx_description
1 polymer 'Thymidylate synthase'
2 non-polymer 'FLAVIN MONONUCLEOTIDE'
3 non-polymer "2'-DEOXYCYTIDINE-5'-MONOPHOSPHATE"
4 non-polymer GLYCEROL
5 water water
#
_entity_poly.entity_id   1
_entity_poly.type   'polypeptide(L)'
_entity_poly.pdbx_seq_one_letter_code
;MGKHNTMKYIKAADFQSAFKAVNREILENPQFVTDSRIGRCNEIGSMTVVVDTPSSFKMTDPRINRISYEYAEDFWKFMI
SGGTDAKEAFKAYPNVAKFISKPKSDALPANFNTFYGPRIAAQLPALLKELKEKPNSRRVVFQILESSDQALLDSDETLE
YPCTDSVTYYIRDGKLYTHCHMRSQNCAVVMQLDFYLQGKLLHYIANECGVEVGDYTHTMVSAHVFERDFDYVKGFLD
;
_entity_poly.pdbx_strand_id   A
#
# COMPACT_ATOMS: atom_id res chain seq x y z
N ASN A 5 -1.33 -15.59 -21.96
CA ASN A 5 -2.54 -15.25 -21.23
C ASN A 5 -2.20 -14.51 -19.93
N THR A 6 -3.05 -13.57 -19.56
CA THR A 6 -2.78 -12.71 -18.40
C THR A 6 -2.71 -13.53 -17.13
N MET A 7 -1.57 -13.46 -16.45
CA MET A 7 -1.37 -14.16 -15.19
C MET A 7 -1.79 -13.25 -14.04
N LYS A 8 -2.81 -13.67 -13.29
CA LYS A 8 -3.35 -12.86 -12.22
C LYS A 8 -2.92 -13.31 -10.85
N TYR A 9 -2.24 -14.45 -10.74
CA TYR A 9 -1.81 -14.99 -9.47
C TYR A 9 -0.30 -15.13 -9.54
N ILE A 10 0.40 -14.36 -8.72
CA ILE A 10 1.85 -14.33 -8.74
C ILE A 10 2.34 -14.66 -7.34
N LYS A 11 3.13 -15.72 -7.24
CA LYS A 11 3.74 -16.11 -5.97
C LYS A 11 5.24 -15.97 -6.10
N ALA A 12 5.86 -15.29 -5.14
CA ALA A 12 7.27 -14.98 -5.22
C ALA A 12 7.90 -15.14 -3.84
N ALA A 13 9.21 -15.35 -3.85
CA ALA A 13 9.93 -15.57 -2.59
C ALA A 13 10.01 -14.29 -1.77
N ASP A 14 10.18 -13.15 -2.43
CA ASP A 14 10.43 -11.90 -1.75
C ASP A 14 9.68 -10.77 -2.44
N PHE A 15 9.65 -9.61 -1.77
CA PHE A 15 8.91 -8.48 -2.31
C PHE A 15 9.46 -8.04 -3.66
N GLN A 16 10.78 -8.03 -3.84
CA GLN A 16 11.32 -7.55 -5.09
C GLN A 16 10.96 -8.46 -6.25
N SER A 17 11.04 -9.79 -6.04
CA SER A 17 10.68 -10.70 -7.11
C SER A 17 9.20 -10.57 -7.46
N ALA A 18 8.36 -10.40 -6.45
CA ALA A 18 6.95 -10.15 -6.71
C ALA A 18 6.76 -8.85 -7.48
N PHE A 19 7.44 -7.79 -7.03
CA PHE A 19 7.36 -6.49 -7.67
C PHE A 19 7.74 -6.56 -9.14
N LYS A 20 8.87 -7.21 -9.46
CA LYS A 20 9.29 -7.31 -10.84
C LYS A 20 8.32 -8.15 -11.67
N ALA A 21 7.84 -9.26 -11.09
CA ALA A 21 6.93 -10.15 -11.82
C ALA A 21 5.61 -9.47 -12.11
N VAL A 22 5.08 -8.73 -11.14
CA VAL A 22 3.83 -8.00 -11.35
C VAL A 22 3.98 -6.97 -12.46
N ASN A 23 5.03 -6.15 -12.36
CA ASN A 23 5.24 -5.10 -13.35
C ASN A 23 5.45 -5.70 -14.74
N ARG A 24 6.21 -6.79 -14.83
CA ARG A 24 6.43 -7.42 -16.13
C ARG A 24 5.11 -7.90 -16.71
N GLU A 25 4.27 -8.51 -15.89
CA GLU A 25 3.01 -9.07 -16.39
C GLU A 25 2.07 -7.96 -16.86
N ILE A 26 2.01 -6.85 -16.12
CA ILE A 26 1.16 -5.72 -16.55
C ILE A 26 1.67 -5.14 -17.86
N LEU A 27 2.98 -5.01 -18.02
CA LEU A 27 3.53 -4.47 -19.26
C LEU A 27 3.26 -5.40 -20.43
N GLU A 28 3.47 -6.71 -20.22
CA GLU A 28 3.48 -7.65 -21.34
C GLU A 28 2.10 -8.24 -21.63
N ASN A 29 1.28 -8.46 -20.61
CA ASN A 29 0.00 -9.15 -20.77
C ASN A 29 -1.13 -8.43 -20.03
N PRO A 30 -1.38 -7.16 -20.34
CA PRO A 30 -2.43 -6.44 -19.64
C PRO A 30 -3.81 -7.03 -19.94
N GLN A 31 -4.70 -6.94 -18.95
CA GLN A 31 -6.10 -7.24 -19.21
C GLN A 31 -6.78 -6.09 -19.93
N PHE A 32 -6.45 -4.86 -19.55
CA PHE A 32 -7.00 -3.66 -20.15
C PHE A 32 -5.88 -2.71 -20.45
N VAL A 33 -6.02 -1.96 -21.53
CA VAL A 33 -5.24 -0.76 -21.79
C VAL A 33 -6.24 0.38 -21.73
N THR A 34 -6.13 1.24 -20.73
CA THR A 34 -7.23 2.10 -20.37
C THR A 34 -6.76 3.51 -20.04
N ASP A 35 -7.59 4.49 -20.40
CA ASP A 35 -7.35 5.88 -20.08
C ASP A 35 -8.05 6.20 -18.76
N SER A 36 -7.26 6.39 -17.71
CA SER A 36 -7.75 6.49 -16.34
C SER A 36 -7.86 7.95 -15.90
N ARG A 37 -8.31 8.12 -14.66
CA ARG A 37 -8.40 9.45 -14.04
C ARG A 37 -7.11 10.23 -14.20
N ILE A 38 -5.97 9.52 -14.14
CA ILE A 38 -4.66 10.18 -14.22
C ILE A 38 -3.80 9.62 -15.35
N GLY A 39 -4.42 9.26 -16.46
CA GLY A 39 -3.68 8.97 -17.67
C GLY A 39 -3.74 7.49 -18.06
N ARG A 40 -3.17 7.22 -19.23
CA ARG A 40 -3.26 5.89 -19.83
C ARG A 40 -2.36 4.90 -19.09
N CYS A 41 -2.90 3.71 -18.85
CA CYS A 41 -2.15 2.67 -18.17
C CYS A 41 -2.53 1.30 -18.71
N ASN A 42 -1.58 0.37 -18.59
CA ASN A 42 -1.89 -1.05 -18.68
C ASN A 42 -2.41 -1.49 -17.32
N GLU A 43 -3.35 -2.42 -17.34
CA GLU A 43 -4.02 -2.77 -16.10
C GLU A 43 -4.39 -4.24 -16.12
N ILE A 44 -4.23 -4.88 -14.97
CA ILE A 44 -4.76 -6.22 -14.73
C ILE A 44 -5.72 -6.10 -13.55
N GLY A 45 -6.95 -6.58 -13.74
CA GLY A 45 -7.92 -6.52 -12.68
C GLY A 45 -7.76 -7.69 -11.73
N SER A 46 -7.89 -7.40 -10.43
CA SER A 46 -7.96 -8.43 -9.41
C SER A 46 -6.74 -9.36 -9.43
N MET A 47 -5.56 -8.76 -9.41
CA MET A 47 -4.33 -9.54 -9.24
C MET A 47 -4.17 -9.95 -7.78
N THR A 48 -3.63 -11.16 -7.58
CA THR A 48 -3.26 -11.64 -6.26
C THR A 48 -1.78 -11.92 -6.26
N VAL A 49 -1.06 -11.36 -5.30
CA VAL A 49 0.39 -11.52 -5.18
C VAL A 49 0.69 -12.09 -3.80
N VAL A 50 1.49 -13.14 -3.76
CA VAL A 50 1.94 -13.74 -2.51
C VAL A 50 3.44 -13.55 -2.40
N VAL A 51 3.87 -13.05 -1.25
CA VAL A 51 5.29 -12.90 -0.92
C VAL A 51 5.59 -13.87 0.23
N ASP A 52 6.49 -14.83 -0.03
CA ASP A 52 6.75 -15.87 0.96
C ASP A 52 7.48 -15.33 2.18
N THR A 53 8.35 -14.33 2.00
CA THR A 53 9.28 -13.91 3.04
C THR A 53 9.11 -12.41 3.24
N PRO A 54 8.14 -12.01 4.08
CA PRO A 54 7.81 -10.57 4.16
C PRO A 54 8.85 -9.71 4.84
N SER A 55 9.93 -10.29 5.39
CA SER A 55 11.02 -9.45 5.89
C SER A 55 11.72 -8.70 4.78
N SER A 56 11.47 -9.07 3.52
CA SER A 56 12.21 -8.58 2.37
C SER A 56 11.62 -7.30 1.77
N PHE A 57 10.97 -6.47 2.59
CA PHE A 57 10.20 -5.34 2.07
C PHE A 57 11.07 -4.19 1.56
N LYS A 58 12.37 -4.19 1.87
CA LYS A 58 13.28 -3.21 1.29
C LYS A 58 13.94 -3.89 0.10
N MET A 59 13.58 -3.45 -1.09
CA MET A 59 14.13 -4.08 -2.27
C MET A 59 15.57 -3.64 -2.49
N THR A 60 16.36 -4.53 -3.06
CA THR A 60 17.79 -4.34 -3.14
C THR A 60 18.26 -3.79 -4.47
N ASP A 61 17.46 -3.90 -5.51
CA ASP A 61 17.88 -3.43 -6.82
C ASP A 61 17.85 -1.92 -6.86
N PRO A 62 18.99 -1.24 -6.98
CA PRO A 62 19.00 0.22 -6.91
C PRO A 62 18.37 0.90 -8.10
N ARG A 63 18.06 0.15 -9.16
CA ARG A 63 17.36 0.72 -10.29
C ARG A 63 15.89 0.97 -9.97
N ILE A 64 15.36 0.32 -8.94
CA ILE A 64 14.01 0.60 -8.48
C ILE A 64 14.14 1.76 -7.51
N ASN A 65 14.19 2.97 -8.08
CA ASN A 65 14.64 4.14 -7.32
C ASN A 65 13.62 5.26 -7.25
N ARG A 66 12.39 5.05 -7.74
CA ARG A 66 11.44 6.15 -7.70
C ARG A 66 10.90 6.40 -6.29
N ILE A 67 10.92 5.38 -5.44
CA ILE A 67 10.64 5.55 -4.02
C ILE A 67 11.96 5.30 -3.30
N SER A 68 12.63 6.37 -2.88
CA SER A 68 13.89 6.18 -2.16
C SER A 68 13.58 5.60 -0.79
N TYR A 69 14.54 4.87 -0.24
CA TYR A 69 14.26 4.32 1.08
C TYR A 69 14.34 5.35 2.19
N GLU A 70 15.03 6.47 1.95
CA GLU A 70 14.92 7.60 2.87
C GLU A 70 13.49 8.13 2.94
N TYR A 71 12.86 8.31 1.77
CA TYR A 71 11.47 8.75 1.73
C TYR A 71 10.55 7.70 2.34
N ALA A 72 10.76 6.43 1.97
CA ALA A 72 9.91 5.36 2.49
C ALA A 72 9.99 5.28 4.01
N GLU A 73 11.21 5.44 4.56
CA GLU A 73 11.35 5.39 6.00
C GLU A 73 10.73 6.62 6.67
N ASP A 74 10.90 7.81 6.06
CA ASP A 74 10.20 8.98 6.57
C ASP A 74 8.69 8.78 6.54
N PHE A 75 8.19 8.16 5.46
CA PHE A 75 6.77 7.89 5.36
C PHE A 75 6.33 6.91 6.44
N TRP A 76 7.11 5.85 6.65
CA TRP A 76 6.78 4.89 7.70
C TRP A 76 6.69 5.57 9.06
N LYS A 77 7.70 6.36 9.40
CA LYS A 77 7.68 7.05 10.69
C LYS A 77 6.46 7.95 10.80
N PHE A 78 6.13 8.66 9.72
CA PHE A 78 4.94 9.50 9.71
C PHE A 78 3.70 8.68 9.93
N MET A 79 3.60 7.53 9.26
CA MET A 79 2.40 6.70 9.35
C MET A 79 2.26 6.07 10.73
N ILE A 80 3.30 5.37 11.19
CA ILE A 80 3.15 4.64 12.45
C ILE A 80 2.98 5.60 13.62
N SER A 81 3.53 6.80 13.53
CA SER A 81 3.35 7.76 14.62
C SER A 81 1.95 8.38 14.61
N GLY A 82 1.15 8.13 13.58
CA GLY A 82 -0.25 8.50 13.62
C GLY A 82 -0.52 9.98 13.59
N GLY A 83 0.45 10.80 13.22
CA GLY A 83 0.27 12.24 13.21
C GLY A 83 -0.35 12.74 11.93
N THR A 84 -0.56 14.05 11.89
CA THR A 84 -1.14 14.74 10.75
C THR A 84 -0.26 15.87 10.23
N ASP A 85 0.93 16.07 10.79
CA ASP A 85 1.82 17.15 10.38
C ASP A 85 2.66 16.70 9.20
N ALA A 86 1.97 16.47 8.08
CA ALA A 86 2.63 16.00 6.87
C ALA A 86 3.55 17.06 6.28
N LYS A 87 3.18 18.35 6.41
CA LYS A 87 4.04 19.41 5.91
C LYS A 87 5.43 19.34 6.54
N GLU A 88 5.48 19.08 7.85
CA GLU A 88 6.76 18.96 8.53
C GLU A 88 7.44 17.64 8.17
N ALA A 89 6.68 16.54 8.12
CA ALA A 89 7.29 15.23 7.91
C ALA A 89 7.92 15.13 6.52
N PHE A 90 7.31 15.75 5.52
CA PHE A 90 7.75 15.63 4.13
C PHE A 90 8.29 16.95 3.60
N LYS A 91 8.80 17.81 4.47
CA LYS A 91 9.30 19.11 4.03
C LYS A 91 10.47 18.96 3.05
N ALA A 92 11.21 17.85 3.13
CA ALA A 92 12.30 17.61 2.20
C ALA A 92 11.85 17.05 0.87
N TYR A 93 10.54 16.94 0.64
CA TYR A 93 10.00 16.34 -0.59
C TYR A 93 8.89 17.23 -1.12
N PRO A 94 9.23 18.25 -1.91
CA PRO A 94 8.19 19.19 -2.38
C PRO A 94 7.16 18.58 -3.31
N ASN A 95 7.47 17.48 -3.99
CA ASN A 95 6.55 16.95 -5.00
C ASN A 95 5.33 16.25 -4.41
N VAL A 96 5.25 16.10 -3.09
CA VAL A 96 4.10 15.44 -2.47
C VAL A 96 3.12 16.48 -1.96
N ALA A 97 3.30 17.73 -2.39
CA ALA A 97 2.53 18.84 -1.83
C ALA A 97 1.03 18.65 -2.03
N LYS A 98 0.60 18.20 -3.21
CA LYS A 98 -0.82 18.11 -3.49
C LYS A 98 -1.52 17.02 -2.68
N PHE A 99 -0.77 16.10 -2.10
CA PHE A 99 -1.35 15.03 -1.30
C PHE A 99 -1.44 15.36 0.18
N ILE A 100 -0.83 16.47 0.62
CA ILE A 100 -0.72 16.79 2.04
C ILE A 100 -1.32 18.15 2.37
N SER A 101 -1.96 18.80 1.41
CA SER A 101 -2.52 20.13 1.64
C SER A 101 -3.90 20.02 2.28
N LYS A 102 -4.32 21.11 2.94
CA LYS A 102 -5.61 21.13 3.58
C LYS A 102 -6.72 21.04 2.52
N PRO A 103 -7.89 20.54 2.90
CA PRO A 103 -9.02 20.52 1.95
C PRO A 103 -9.40 21.93 1.51
N LYS A 104 -9.84 22.02 0.25
CA LYS A 104 -10.26 23.30 -0.30
C LYS A 104 -11.76 23.54 -0.15
N SER A 105 -12.57 22.51 -0.43
CA SER A 105 -14.01 22.66 -0.39
C SER A 105 -14.51 22.81 1.04
N ASP A 106 -15.46 23.72 1.24
CA ASP A 106 -16.13 23.85 2.54
C ASP A 106 -17.02 22.66 2.86
N ALA A 107 -17.28 21.79 1.89
CA ALA A 107 -18.19 20.66 2.10
C ALA A 107 -17.69 19.76 3.23
N LEU A 108 -16.45 19.27 3.12
CA LEU A 108 -15.89 18.47 4.19
C LEU A 108 -15.02 19.34 5.09
N PRO A 109 -14.87 18.98 6.37
CA PRO A 109 -14.21 19.87 7.32
C PRO A 109 -12.72 20.05 7.01
N ALA A 110 -12.13 21.02 7.69
CA ALA A 110 -10.70 21.28 7.56
C ALA A 110 -9.84 20.24 8.28
N ASN A 111 -10.42 19.56 9.28
CA ASN A 111 -9.73 18.45 9.93
C ASN A 111 -9.68 17.20 9.08
N PHE A 112 -10.40 17.18 7.95
CA PHE A 112 -10.46 15.99 7.12
C PHE A 112 -9.10 15.72 6.49
N ASN A 113 -8.64 14.48 6.63
CA ASN A 113 -7.49 14.01 5.89
C ASN A 113 -7.69 12.53 5.61
N THR A 114 -6.89 12.01 4.67
CA THR A 114 -6.91 10.59 4.33
C THR A 114 -5.60 9.91 4.67
N PHE A 115 -4.85 10.46 5.61
CA PHE A 115 -3.61 9.83 6.04
C PHE A 115 -3.94 8.49 6.69
N TYR A 116 -3.14 7.47 6.37
CA TYR A 116 -3.41 6.15 6.92
C TYR A 116 -3.10 6.10 8.41
N GLY A 117 -2.08 6.84 8.84
CA GLY A 117 -1.55 6.73 10.18
C GLY A 117 -2.59 6.92 11.27
N PRO A 118 -3.35 8.01 11.22
CA PRO A 118 -4.37 8.21 12.26
C PRO A 118 -5.42 7.11 12.27
N ARG A 119 -5.71 6.53 11.11
CA ARG A 119 -6.71 5.46 11.06
C ARG A 119 -6.16 4.19 11.68
N ILE A 120 -4.91 3.85 11.35
CA ILE A 120 -4.25 2.73 11.99
C ILE A 120 -4.18 2.95 13.50
N ALA A 121 -3.81 4.16 13.91
CA ALA A 121 -3.68 4.46 15.33
C ALA A 121 -5.01 4.28 16.06
N ALA A 122 -6.10 4.72 15.42
CA ALA A 122 -7.40 4.63 16.08
C ALA A 122 -7.81 3.18 16.31
N GLN A 123 -7.45 2.29 15.37
CA GLN A 123 -7.90 0.91 15.42
C GLN A 123 -6.94 -0.01 16.15
N LEU A 124 -5.69 0.42 16.36
CA LEU A 124 -4.68 -0.45 16.97
C LEU A 124 -5.13 -1.05 18.29
N PRO A 125 -5.67 -0.30 19.25
CA PRO A 125 -5.99 -0.91 20.54
C PRO A 125 -7.00 -2.05 20.44
N ALA A 126 -8.11 -1.84 19.74
CA ALA A 126 -9.12 -2.88 19.64
C ALA A 126 -8.62 -4.06 18.81
N LEU A 127 -7.89 -3.78 17.72
CA LEU A 127 -7.47 -4.85 16.84
C LEU A 127 -6.35 -5.68 17.45
N LEU A 128 -5.41 -5.02 18.15
CA LEU A 128 -4.37 -5.78 18.86
C LEU A 128 -4.99 -6.63 19.96
N LYS A 129 -5.99 -6.10 20.66
CA LYS A 129 -6.64 -6.88 21.70
C LYS A 129 -7.28 -8.14 21.11
N GLU A 130 -8.01 -7.99 20.00
CA GLU A 130 -8.60 -9.16 19.34
C GLU A 130 -7.50 -10.11 18.88
N LEU A 131 -6.46 -9.56 18.26
CA LEU A 131 -5.41 -10.41 17.70
C LEU A 131 -4.69 -11.19 18.79
N LYS A 132 -4.48 -10.59 19.96
CA LYS A 132 -3.75 -11.25 21.03
C LYS A 132 -4.64 -12.16 21.88
N GLU A 133 -5.92 -11.82 22.03
CA GLU A 133 -6.75 -12.46 23.03
C GLU A 133 -7.80 -13.41 22.48
N LYS A 134 -8.16 -13.28 21.21
CA LYS A 134 -9.16 -14.18 20.64
C LYS A 134 -8.44 -15.20 19.78
N PRO A 135 -8.27 -16.43 20.24
CA PRO A 135 -7.44 -17.40 19.51
C PRO A 135 -8.01 -17.65 18.12
N ASN A 136 -7.13 -17.59 17.12
CA ASN A 136 -7.48 -17.91 15.74
C ASN A 136 -8.57 -16.99 15.21
N SER A 137 -8.60 -15.75 15.69
CA SER A 137 -9.58 -14.78 15.22
C SER A 137 -9.46 -14.56 13.73
N ARG A 138 -10.60 -14.37 13.10
CA ARG A 138 -10.69 -13.94 11.71
C ARG A 138 -11.07 -12.48 11.59
N ARG A 139 -11.13 -11.74 12.71
CA ARG A 139 -11.79 -10.46 12.75
C ARG A 139 -10.88 -9.26 12.69
N VAL A 140 -9.58 -9.45 12.55
CA VAL A 140 -8.61 -8.37 12.75
C VAL A 140 -8.37 -7.73 11.38
N VAL A 141 -9.14 -6.68 11.08
CA VAL A 141 -9.04 -5.99 9.80
C VAL A 141 -8.86 -4.51 10.06
N PHE A 142 -7.71 -3.97 9.66
CA PHE A 142 -7.52 -2.53 9.65
C PHE A 142 -8.23 -1.95 8.44
N GLN A 143 -9.21 -1.11 8.67
CA GLN A 143 -9.92 -0.42 7.59
C GLN A 143 -9.15 0.85 7.25
N ILE A 144 -8.77 0.99 6.00
CA ILE A 144 -8.09 2.21 5.58
C ILE A 144 -9.11 3.05 4.82
N LEU A 145 -9.48 2.63 3.61
CA LEU A 145 -10.54 3.32 2.87
C LEU A 145 -11.84 3.24 3.65
N GLU A 146 -12.53 4.37 3.77
CA GLU A 146 -13.76 4.49 4.54
C GLU A 146 -14.84 5.06 3.63
N SER A 147 -16.10 4.72 3.91
CA SER A 147 -17.17 5.26 3.08
C SER A 147 -17.23 6.79 3.17
N SER A 148 -16.80 7.37 4.29
CA SER A 148 -16.80 8.82 4.39
C SER A 148 -15.81 9.46 3.42
N ASP A 149 -14.83 8.69 2.92
CA ASP A 149 -13.93 9.21 1.89
C ASP A 149 -14.64 9.44 0.58
N GLN A 150 -15.84 8.89 0.40
CA GLN A 150 -16.58 9.07 -0.84
C GLN A 150 -16.94 10.53 -1.06
N ALA A 151 -16.91 11.37 -0.03
CA ALA A 151 -17.09 12.80 -0.23
C ALA A 151 -16.05 13.39 -1.17
N LEU A 152 -14.92 12.70 -1.38
CA LEU A 152 -13.90 13.20 -2.29
C LEU A 152 -14.22 12.95 -3.75
N LEU A 153 -15.15 12.03 -4.05
CA LEU A 153 -15.32 11.55 -5.42
C LEU A 153 -15.75 12.68 -6.35
N ASP A 154 -16.73 13.46 -5.93
CA ASP A 154 -17.25 14.54 -6.78
C ASP A 154 -16.71 15.90 -6.37
N SER A 155 -15.42 15.96 -6.05
CA SER A 155 -14.77 17.20 -5.65
C SER A 155 -13.52 17.39 -6.51
N ASP A 156 -12.97 18.60 -6.43
CA ASP A 156 -11.72 18.92 -7.09
C ASP A 156 -10.51 18.73 -6.18
N GLU A 157 -10.69 18.07 -5.05
CA GLU A 157 -9.60 17.86 -4.11
C GLU A 157 -8.52 16.99 -4.73
N THR A 158 -7.29 17.18 -4.26
CA THR A 158 -6.16 16.35 -4.68
C THR A 158 -5.74 15.36 -3.62
N LEU A 159 -6.42 15.33 -2.47
CA LEU A 159 -6.10 14.34 -1.44
C LEU A 159 -6.30 12.94 -1.98
N GLU A 160 -5.50 12.01 -1.47
CA GLU A 160 -5.65 10.62 -1.85
C GLU A 160 -7.01 10.10 -1.42
N TYR A 161 -7.76 9.56 -2.35
CA TYR A 161 -8.88 8.72 -1.99
C TYR A 161 -8.24 7.36 -1.75
N PRO A 162 -8.23 6.86 -0.51
CA PRO A 162 -7.31 5.78 -0.16
C PRO A 162 -7.21 4.63 -1.15
N CYS A 163 -5.98 4.38 -1.61
CA CYS A 163 -5.72 3.29 -2.55
C CYS A 163 -5.73 1.95 -1.84
N THR A 164 -5.38 1.95 -0.56
CA THR A 164 -5.39 0.76 0.27
C THR A 164 -6.77 0.61 0.87
N ASP A 165 -7.40 -0.54 0.63
CA ASP A 165 -8.74 -0.75 1.16
C ASP A 165 -8.67 -1.22 2.62
N SER A 166 -7.97 -2.32 2.86
CA SER A 166 -7.89 -2.85 4.21
C SER A 166 -6.67 -3.74 4.33
N VAL A 167 -6.26 -3.98 5.57
CA VAL A 167 -5.17 -4.90 5.87
C VAL A 167 -5.68 -5.85 6.94
N THR A 168 -5.72 -7.13 6.62
CA THR A 168 -6.19 -8.13 7.56
C THR A 168 -5.00 -8.89 8.11
N TYR A 169 -5.01 -9.11 9.41
CA TYR A 169 -3.99 -9.88 10.09
C TYR A 169 -4.65 -11.06 10.76
N TYR A 170 -3.99 -12.21 10.72
CA TYR A 170 -4.48 -13.34 11.49
C TYR A 170 -3.29 -14.20 11.90
N ILE A 171 -3.44 -14.88 13.01
CA ILE A 171 -2.38 -15.71 13.58
C ILE A 171 -2.86 -17.16 13.61
N ARG A 172 -2.05 -18.06 13.06
CA ARG A 172 -2.31 -19.50 13.14
C ARG A 172 -1.00 -20.18 13.48
N ASP A 173 -1.01 -20.97 14.55
CA ASP A 173 0.15 -21.81 14.91
C ASP A 173 1.41 -20.96 15.09
N GLY A 174 1.27 -19.82 15.77
CA GLY A 174 2.41 -19.01 16.12
C GLY A 174 2.91 -18.10 15.03
N LYS A 175 2.20 -17.98 13.91
CA LYS A 175 2.66 -17.15 12.80
C LYS A 175 1.60 -16.12 12.40
N LEU A 176 2.06 -14.92 12.11
CA LEU A 176 1.20 -13.83 11.66
C LEU A 176 1.13 -13.85 10.13
N TYR A 177 -0.09 -13.95 9.62
CA TYR A 177 -0.37 -13.87 8.19
C TYR A 177 -1.03 -12.53 7.91
N THR A 178 -0.73 -11.98 6.74
CA THR A 178 -1.18 -10.64 6.39
C THR A 178 -1.81 -10.67 5.01
N HIS A 179 -2.96 -9.99 4.88
CA HIS A 179 -3.61 -9.82 3.59
C HIS A 179 -3.92 -8.35 3.40
N CYS A 180 -3.19 -7.70 2.52
CA CYS A 180 -3.42 -6.31 2.17
C CYS A 180 -4.27 -6.29 0.91
N HIS A 181 -5.45 -5.68 1.01
CA HIS A 181 -6.34 -5.55 -0.13
C HIS A 181 -6.27 -4.11 -0.64
N MET A 182 -5.75 -3.95 -1.85
CA MET A 182 -5.63 -2.64 -2.49
C MET A 182 -6.81 -2.43 -3.42
N ARG A 183 -7.48 -1.29 -3.26
CA ARG A 183 -8.41 -0.85 -4.29
C ARG A 183 -7.67 -0.57 -5.59
N SER A 184 -6.54 0.11 -5.51
CA SER A 184 -5.90 0.65 -6.68
C SER A 184 -4.41 0.70 -6.42
N GLN A 185 -3.62 0.14 -7.33
CA GLN A 185 -2.19 0.02 -7.13
C GLN A 185 -1.45 0.47 -8.37
N ASN A 186 -0.65 1.53 -8.24
CA ASN A 186 0.34 1.90 -9.23
C ASN A 186 1.51 0.95 -8.96
N CYS A 187 1.65 -0.08 -9.79
CA CYS A 187 2.59 -1.15 -9.48
C CYS A 187 4.04 -0.76 -9.72
N ALA A 188 4.29 0.22 -10.58
CA ALA A 188 5.67 0.54 -10.94
C ALA A 188 6.30 1.45 -9.91
N VAL A 189 5.53 2.37 -9.33
CA VAL A 189 6.08 3.39 -8.46
C VAL A 189 5.58 3.21 -7.04
N VAL A 190 4.31 3.54 -6.80
CA VAL A 190 3.84 3.61 -5.42
C VAL A 190 3.88 2.25 -4.73
N MET A 191 3.76 1.16 -5.49
CA MET A 191 3.79 -0.17 -4.86
C MET A 191 5.11 -0.41 -4.13
N GLN A 192 6.20 0.19 -4.59
CA GLN A 192 7.44 0.10 -3.83
C GLN A 192 7.25 0.68 -2.43
N LEU A 193 6.56 1.81 -2.33
CA LEU A 193 6.23 2.39 -1.04
C LEU A 193 5.23 1.52 -0.27
N ASP A 194 4.16 1.09 -0.93
CA ASP A 194 3.17 0.27 -0.24
C ASP A 194 3.79 -1.00 0.32
N PHE A 195 4.64 -1.66 -0.46
CA PHE A 195 5.33 -2.86 0.04
C PHE A 195 6.18 -2.53 1.26
N TYR A 196 6.88 -1.39 1.24
CA TYR A 196 7.69 -1.01 2.39
C TYR A 196 6.81 -0.77 3.61
N LEU A 197 5.74 0.01 3.43
CA LEU A 197 4.88 0.33 4.58
C LEU A 197 4.22 -0.93 5.13
N GLN A 198 3.73 -1.79 4.23
CA GLN A 198 3.07 -3.00 4.71
C GLN A 198 4.05 -3.97 5.35
N GLY A 199 5.27 -4.06 4.80
CA GLY A 199 6.28 -4.89 5.45
C GLY A 199 6.62 -4.39 6.83
N LYS A 200 6.81 -3.07 6.97
CA LYS A 200 7.07 -2.49 8.29
C LYS A 200 5.88 -2.74 9.22
N LEU A 201 4.67 -2.50 8.74
CA LEU A 201 3.52 -2.61 9.62
C LEU A 201 3.31 -4.04 10.09
N LEU A 202 3.45 -5.03 9.21
CA LEU A 202 3.21 -6.39 9.66
C LEU A 202 4.28 -6.84 10.66
N HIS A 203 5.51 -6.36 10.50
CA HIS A 203 6.51 -6.69 11.50
C HIS A 203 6.22 -5.98 12.82
N TYR A 204 5.73 -4.74 12.74
CA TYR A 204 5.27 -4.06 13.95
C TYR A 204 4.22 -4.88 14.66
N ILE A 205 3.22 -5.36 13.93
CA ILE A 205 2.15 -6.14 14.52
C ILE A 205 2.68 -7.46 15.10
N ALA A 206 3.49 -8.17 14.32
CA ALA A 206 4.02 -9.44 14.80
C ALA A 206 4.81 -9.25 16.08
N ASN A 207 5.61 -8.19 16.15
CA ASN A 207 6.41 -7.96 17.33
C ASN A 207 5.52 -7.61 18.53
N GLU A 208 4.49 -6.79 18.33
CA GLU A 208 3.57 -6.50 19.42
C GLU A 208 2.91 -7.76 19.94
N CYS A 209 2.65 -8.72 19.05
CA CYS A 209 2.00 -9.95 19.45
C CYS A 209 2.96 -11.03 19.89
N GLY A 210 4.27 -10.82 19.74
CA GLY A 210 5.24 -11.81 20.14
C GLY A 210 5.22 -13.05 19.28
N VAL A 211 4.84 -12.91 18.01
CA VAL A 211 4.74 -14.06 17.12
C VAL A 211 5.72 -13.89 15.96
N GLU A 212 5.96 -15.01 15.26
CA GLU A 212 6.74 -14.98 14.05
C GLU A 212 5.84 -14.66 12.86
N VAL A 213 6.44 -14.57 11.68
CA VAL A 213 5.76 -14.08 10.47
C VAL A 213 5.57 -15.24 9.52
N GLY A 214 4.37 -15.35 8.96
CA GLY A 214 4.10 -16.30 7.90
C GLY A 214 4.36 -15.64 6.56
N ASP A 215 3.33 -15.51 5.73
CA ASP A 215 3.50 -14.87 4.44
C ASP A 215 2.60 -13.64 4.30
N TYR A 216 2.70 -12.99 3.16
CA TYR A 216 2.04 -11.73 2.89
C TYR A 216 1.31 -11.86 1.56
N THR A 217 0.02 -11.55 1.54
CA THR A 217 -0.77 -11.58 0.33
C THR A 217 -1.24 -10.18 0.03
N HIS A 218 -1.19 -9.81 -1.24
CA HIS A 218 -1.46 -8.45 -1.71
C HIS A 218 -2.42 -8.61 -2.88
N THR A 219 -3.69 -8.25 -2.66
CA THR A 219 -4.65 -8.29 -3.74
C THR A 219 -4.89 -6.86 -4.21
N MET A 220 -5.14 -6.72 -5.52
CA MET A 220 -5.26 -5.39 -6.12
C MET A 220 -6.42 -5.44 -7.10
N VAL A 221 -7.47 -4.67 -6.81
CA VAL A 221 -8.59 -4.66 -7.76
C VAL A 221 -8.14 -4.09 -9.10
N SER A 222 -7.41 -2.97 -9.06
CA SER A 222 -6.71 -2.46 -10.22
C SER A 222 -5.23 -2.51 -9.94
N ALA A 223 -4.52 -3.33 -10.70
CA ALA A 223 -3.06 -3.35 -10.69
C ALA A 223 -2.63 -2.74 -12.01
N HIS A 224 -1.99 -1.58 -11.96
CA HIS A 224 -1.74 -0.86 -13.20
C HIS A 224 -0.34 -0.25 -13.25
N VAL A 225 0.13 -0.05 -14.47
CA VAL A 225 1.37 0.68 -14.75
C VAL A 225 1.04 1.71 -15.81
N PHE A 226 1.30 2.98 -15.51
CA PHE A 226 1.03 4.03 -16.49
C PHE A 226 2.01 3.94 -17.65
N GLU A 227 1.50 4.22 -18.84
CA GLU A 227 2.34 4.19 -20.03
C GLU A 227 3.56 5.09 -19.88
N ARG A 228 3.39 6.22 -19.20
CA ARG A 228 4.52 7.13 -18.96
C ARG A 228 5.63 6.48 -18.14
N ASP A 229 5.37 5.35 -17.49
CA ASP A 229 6.35 4.68 -16.64
C ASP A 229 6.93 3.42 -17.29
N PHE A 230 6.57 3.12 -18.53
CA PHE A 230 7.03 1.88 -19.14
C PHE A 230 8.56 1.85 -19.26
N ASP A 231 9.17 2.96 -19.66
CA ASP A 231 10.62 3.00 -19.78
C ASP A 231 11.29 2.76 -18.42
N TYR A 232 10.72 3.34 -17.37
CA TYR A 232 11.24 3.11 -16.02
C TYR A 232 11.17 1.63 -15.66
N VAL A 233 10.03 0.99 -15.91
CA VAL A 233 9.89 -0.42 -15.61
C VAL A 233 10.88 -1.24 -16.42
N LYS A 234 10.99 -0.97 -17.72
CA LYS A 234 11.94 -1.71 -18.54
C LYS A 234 13.36 -1.55 -18.02
N GLY A 235 13.66 -0.43 -17.38
CA GLY A 235 14.99 -0.19 -16.84
C GLY A 235 15.33 -1.04 -15.63
N PHE A 236 14.33 -1.62 -14.96
CA PHE A 236 14.64 -2.52 -13.85
C PHE A 236 14.31 -3.98 -14.14
N LEU A 237 13.73 -4.29 -15.30
CA LEU A 237 13.52 -5.67 -15.69
C LEU A 237 14.77 -6.14 -16.44
N ASP A 238 15.26 -7.33 -16.09
CA ASP A 238 16.61 -7.81 -16.45
C ASP A 238 17.71 -7.05 -15.69
#